data_3TGM
#
_entry.id   3TGM
#
_cell.length_a   54.610
_cell.length_b   74.980
_cell.length_c   115.280
_cell.angle_alpha   90.00
_cell.angle_beta   90.00
_cell.angle_gamma   90.00
#
_symmetry.space_group_name_H-M   'P 21 21 21'
#
loop_
_entity.id
_entity.type
_entity.pdbx_description
1 polymer 'Heme oxygenase 1'
2 non-polymer 'PROTOPORPHYRIN IX CONTAINING FE'
3 non-polymer 1-(1H-imidazol-1-yl)-4,4-diphenylbutan-2-one
4 non-polymer HEXANE-1,6-DIOL
5 water water
#
_entity_poly.entity_id   1
_entity_poly.type   'polypeptide(L)'
_entity_poly.pdbx_seq_one_letter_code
;MERPQPDSMPQDLSEALKEATKEVHTQAENAEFMRNFQKGQVTRDGFKLVMASLYHIYVALEEEIERNKESPVFAPVYFP
EELHRKAALEQDLAFWYGPRWQEVIPYTPAMQRYVKRLHEVGRTEPELLVAHAYTRYLGDLSGGQVLKKIAQKALDLPSS
GEGLAFFTFPNIASATKFKQLYRSRMNSLEMTPAVRQRVIEEAKTAFLLNIQLFEELQELLTHDTKDQSPSRA
;
_entity_poly.pdbx_strand_id   A,B
#
# COMPACT_ATOMS: atom_id res chain seq x y z
N PRO A 10 6.95 -30.25 21.66
CA PRO A 10 7.23 -28.93 22.24
C PRO A 10 5.96 -28.27 22.77
N GLN A 11 6.08 -27.56 23.89
CA GLN A 11 4.93 -26.95 24.56
C GLN A 11 4.35 -25.74 23.79
N ASP A 12 5.23 -24.92 23.23
CA ASP A 12 4.82 -23.74 22.48
C ASP A 12 4.42 -24.12 21.07
N LEU A 13 3.34 -23.50 20.58
CA LEU A 13 2.87 -23.71 19.21
C LEU A 13 3.93 -23.25 18.22
N SER A 14 4.58 -22.13 18.52
CA SER A 14 5.65 -21.57 17.70
C SER A 14 6.81 -22.54 17.52
N GLU A 15 7.13 -23.28 18.58
CA GLU A 15 8.19 -24.27 18.53
C GLU A 15 7.73 -25.55 17.83
N ALA A 16 6.49 -25.94 18.12
CA ALA A 16 5.90 -27.17 17.56
C ALA A 16 5.75 -27.10 16.04
N LEU A 17 5.42 -25.91 15.54
CA LEU A 17 5.27 -25.68 14.10
C LEU A 17 6.62 -25.69 13.38
N LYS A 18 7.64 -25.11 14.02
CA LYS A 18 9.00 -25.07 13.49
C LYS A 18 9.61 -26.47 13.43
N GLU A 19 9.35 -27.26 14.47
CA GLU A 19 9.83 -28.64 14.57
C GLU A 19 9.19 -29.53 13.49
N ALA A 20 7.87 -29.42 13.34
CA ALA A 20 7.11 -30.28 12.42
C ALA A 20 7.45 -30.05 10.95
N THR A 21 7.74 -28.80 10.60
CA THR A 21 7.90 -28.41 9.20
C THR A 21 9.34 -28.50 8.67
N LYS A 22 10.26 -29.01 9.48
CA LYS A 22 11.68 -29.13 9.11
C LYS A 22 11.89 -29.86 7.77
N GLU A 23 11.26 -31.03 7.63
CA GLU A 23 11.41 -31.87 6.44
C GLU A 23 10.76 -31.25 5.21
N VAL A 24 9.67 -30.51 5.43
CA VAL A 24 8.91 -29.86 4.36
C VAL A 24 9.54 -28.53 3.94
N HIS A 25 10.26 -27.90 4.87
CA HIS A 25 10.98 -26.66 4.58
C HIS A 25 12.24 -26.94 3.77
N THR A 26 12.90 -28.06 4.05
CA THR A 26 14.08 -28.50 3.30
C THR A 26 13.65 -28.92 1.89
N GLN A 27 12.49 -29.56 1.80
CA GLN A 27 11.88 -29.95 0.54
C GLN A 27 11.58 -28.72 -0.31
N ALA A 28 11.21 -27.62 0.36
CA ALA A 28 10.92 -26.35 -0.30
C ALA A 28 12.19 -25.59 -0.70
N GLU A 29 13.28 -25.79 0.03
CA GLU A 29 14.58 -25.23 -0.32
C GLU A 29 15.18 -25.93 -1.54
N ASN A 30 14.84 -27.20 -1.70
CA ASN A 30 15.29 -28.00 -2.84
C ASN A 30 14.25 -28.09 -3.96
N ALA A 31 13.39 -27.07 -4.04
CA ALA A 31 12.49 -26.90 -5.17
C ALA A 31 13.29 -26.35 -6.35
N GLU A 32 12.94 -26.80 -7.55
CA GLU A 32 13.70 -26.47 -8.76
C GLU A 32 13.80 -24.95 -8.99
N PHE A 33 12.70 -24.24 -8.77
CA PHE A 33 12.64 -22.79 -8.93
C PHE A 33 13.57 -22.08 -7.95
N MET A 34 13.45 -22.43 -6.67
CA MET A 34 14.21 -21.80 -5.58
C MET A 34 15.67 -22.22 -5.57
N ARG A 35 15.95 -23.37 -6.20
CA ARG A 35 17.32 -23.84 -6.39
C ARG A 35 18.03 -22.85 -7.31
N ASN A 36 17.33 -22.44 -8.37
CA ASN A 36 17.83 -21.43 -9.28
C ASN A 36 17.85 -20.03 -8.66
N PHE A 37 16.82 -19.72 -7.89
CA PHE A 37 16.67 -18.40 -7.27
C PHE A 37 17.84 -18.07 -6.34
N GLN A 38 18.27 -19.05 -5.56
CA GLN A 38 19.41 -18.91 -4.65
C GLN A 38 20.70 -18.51 -5.38
N LYS A 39 20.90 -19.12 -6.55
CA LYS A 39 22.07 -18.84 -7.38
C LYS A 39 21.86 -17.61 -8.28
N GLY A 40 20.71 -16.94 -8.11
CA GLY A 40 20.39 -15.72 -8.85
C GLY A 40 20.04 -15.93 -10.31
N GLN A 41 19.56 -17.13 -10.63
CA GLN A 41 19.19 -17.48 -12.01
C GLN A 41 17.69 -17.28 -12.25
N VAL A 42 17.24 -16.04 -12.04
CA VAL A 42 15.82 -15.69 -12.19
C VAL A 42 15.60 -14.73 -13.37
N THR A 43 14.45 -14.88 -14.03
CA THR A 43 14.06 -13.98 -15.11
C THR A 43 12.94 -13.04 -14.67
N ARG A 44 12.61 -12.07 -15.52
CA ARG A 44 11.47 -11.20 -15.30
C ARG A 44 10.16 -11.98 -15.34
N ASP A 45 10.01 -12.84 -16.34
CA ASP A 45 8.85 -13.72 -16.47
C ASP A 45 8.57 -14.51 -15.19
N GLY A 46 9.63 -15.14 -14.66
CA GLY A 46 9.54 -15.93 -13.44
C GLY A 46 9.13 -15.13 -12.23
N PHE A 47 9.74 -13.96 -12.07
CA PHE A 47 9.41 -13.05 -10.98
C PHE A 47 7.96 -12.57 -11.05
N LYS A 48 7.51 -12.20 -12.26
CA LYS A 48 6.14 -11.76 -12.49
C LYS A 48 5.13 -12.82 -12.01
N LEU A 49 5.43 -14.08 -12.31
CA LEU A 49 4.63 -15.22 -11.88
C LEU A 49 4.57 -15.34 -10.35
N VAL A 50 5.71 -15.16 -9.71
CA VAL A 50 5.80 -15.16 -8.25
C VAL A 50 4.93 -14.03 -7.69
N MET A 51 5.16 -12.84 -8.21
CA MET A 51 4.47 -11.63 -7.79
C MET A 51 2.95 -11.77 -7.96
N ALA A 52 2.54 -12.40 -9.05
CA ALA A 52 1.13 -12.63 -9.31
C ALA A 52 0.55 -13.70 -8.39
N SER A 53 1.36 -14.72 -8.10
CA SER A 53 0.99 -15.78 -7.17
C SER A 53 0.76 -15.21 -5.77
N LEU A 54 1.72 -14.43 -5.30
CA LEU A 54 1.64 -13.78 -4.00
C LEU A 54 0.41 -12.88 -3.89
N TYR A 55 0.02 -12.27 -5.00
CA TYR A 55 -1.19 -11.45 -5.03
C TYR A 55 -2.45 -12.26 -4.76
N HIS A 56 -2.64 -13.33 -5.52
CA HIS A 56 -3.84 -14.15 -5.40
C HIS A 56 -3.98 -14.81 -4.03
N ILE A 57 -2.83 -15.15 -3.43
CA ILE A 57 -2.78 -15.85 -2.14
C ILE A 57 -3.09 -14.90 -0.99
N TYR A 58 -2.43 -13.75 -0.98
CA TYR A 58 -2.64 -12.73 0.05
C TYR A 58 -4.01 -12.08 -0.01
N VAL A 59 -4.57 -11.97 -1.22
CA VAL A 59 -5.94 -11.47 -1.36
C VAL A 59 -6.89 -12.41 -0.63
N ALA A 60 -6.71 -13.71 -0.85
CA ALA A 60 -7.54 -14.72 -0.20
C ALA A 60 -7.24 -14.81 1.30
N LEU A 61 -5.96 -14.80 1.66
CA LEU A 61 -5.57 -14.88 3.08
C LEU A 61 -6.13 -13.72 3.89
N GLU A 62 -5.97 -12.49 3.37
CA GLU A 62 -6.43 -11.29 4.07
C GLU A 62 -7.95 -11.15 4.07
N GLU A 63 -8.60 -11.66 3.03
CA GLU A 63 -10.06 -11.70 2.95
C GLU A 63 -10.63 -12.58 4.05
N GLU A 64 -10.01 -13.75 4.25
CA GLU A 64 -10.46 -14.68 5.28
C GLU A 64 -10.05 -14.23 6.69
N ILE A 65 -8.94 -13.51 6.78
CA ILE A 65 -8.49 -12.95 8.06
C ILE A 65 -9.45 -11.86 8.56
N GLU A 66 -9.94 -11.03 7.64
CA GLU A 66 -10.93 -10.00 7.95
C GLU A 66 -12.27 -10.61 8.39
N ARG A 67 -12.63 -11.76 7.84
CA ARG A 67 -13.83 -12.48 8.25
C ARG A 67 -13.77 -12.97 9.69
N ASN A 68 -12.55 -13.27 10.16
CA ASN A 68 -12.37 -13.94 11.45
C ASN A 68 -11.52 -13.18 12.47
N LYS A 69 -11.30 -11.89 12.22
CA LYS A 69 -10.51 -11.05 13.13
C LYS A 69 -11.08 -10.99 14.56
N GLU A 70 -12.41 -11.04 14.66
CA GLU A 70 -13.10 -10.95 15.95
C GLU A 70 -13.06 -12.26 16.74
N SER A 71 -12.90 -13.38 16.04
CA SER A 71 -12.93 -14.70 16.65
C SER A 71 -11.71 -14.98 17.54
N PRO A 72 -11.95 -15.57 18.73
CA PRO A 72 -10.89 -15.92 19.68
C PRO A 72 -9.80 -16.83 19.09
N VAL A 73 -10.14 -17.57 18.05
CA VAL A 73 -9.20 -18.50 17.43
C VAL A 73 -8.09 -17.80 16.62
N PHE A 74 -8.33 -16.53 16.27
CA PHE A 74 -7.36 -15.74 15.50
C PHE A 74 -7.07 -14.36 16.10
N ALA A 75 -8.01 -13.82 16.87
CA ALA A 75 -7.90 -12.45 17.40
C ALA A 75 -6.52 -12.04 17.95
N PRO A 76 -5.85 -12.92 18.74
CA PRO A 76 -4.56 -12.53 19.31
C PRO A 76 -3.46 -12.27 18.27
N VAL A 77 -3.46 -13.02 17.16
CA VAL A 77 -2.41 -12.86 16.13
C VAL A 77 -2.78 -11.87 15.01
N TYR A 78 -3.88 -11.15 15.19
CA TYR A 78 -4.36 -10.19 14.20
C TYR A 78 -3.56 -8.90 14.28
N PHE A 79 -2.80 -8.62 13.22
CA PHE A 79 -1.97 -7.42 13.14
C PHE A 79 -2.16 -6.74 11.77
N PRO A 80 -3.36 -6.15 11.53
CA PRO A 80 -3.74 -5.64 10.21
C PRO A 80 -2.72 -4.65 9.63
N GLU A 81 -2.41 -3.60 10.38
CA GLU A 81 -1.56 -2.52 9.90
C GLU A 81 -0.12 -2.94 9.66
N GLU A 82 0.37 -3.84 10.51
CA GLU A 82 1.78 -4.24 10.51
C GLU A 82 2.12 -5.14 9.33
N LEU A 83 1.17 -5.97 8.93
CA LEU A 83 1.45 -7.08 8.02
C LEU A 83 0.75 -7.07 6.66
N HIS A 84 -0.33 -6.29 6.50
CA HIS A 84 -1.11 -6.32 5.26
C HIS A 84 -0.24 -6.12 4.00
N ARG A 85 -0.42 -7.05 3.05
CA ARG A 85 0.43 -7.14 1.86
C ARG A 85 -0.31 -6.90 0.55
N LYS A 86 -1.64 -6.93 0.57
CA LYS A 86 -2.44 -6.78 -0.65
C LYS A 86 -2.11 -5.49 -1.40
N ALA A 87 -2.16 -4.35 -0.70
CA ALA A 87 -1.89 -3.05 -1.29
C ALA A 87 -0.46 -2.91 -1.85
N ALA A 88 0.52 -3.47 -1.14
CA ALA A 88 1.91 -3.43 -1.57
C ALA A 88 2.08 -4.20 -2.87
N LEU A 89 1.38 -5.34 -2.95
CA LEU A 89 1.43 -6.19 -4.13
C LEU A 89 0.69 -5.59 -5.31
N GLU A 90 -0.40 -4.88 -5.02
CA GLU A 90 -1.17 -4.20 -6.06
C GLU A 90 -0.34 -3.09 -6.70
N GLN A 91 0.43 -2.39 -5.87
CA GLN A 91 1.36 -1.38 -6.36
C GLN A 91 2.39 -2.00 -7.31
N ASP A 92 2.91 -3.18 -6.95
CA ASP A 92 3.95 -3.84 -7.74
C ASP A 92 3.44 -4.40 -9.06
N LEU A 93 2.33 -5.14 -9.00
CA LEU A 93 1.69 -5.66 -10.21
C LEU A 93 1.35 -4.58 -11.23
N ALA A 94 1.01 -3.39 -10.73
CA ALA A 94 0.75 -2.24 -11.59
C ALA A 94 2.00 -1.87 -12.38
N PHE A 95 3.16 -2.04 -11.76
CA PHE A 95 4.44 -1.77 -12.41
C PHE A 95 4.90 -2.93 -13.30
N TRP A 96 4.65 -4.16 -12.85
CA TRP A 96 5.09 -5.34 -13.59
C TRP A 96 4.21 -5.69 -14.77
N TYR A 97 2.91 -5.46 -14.64
CA TYR A 97 1.94 -5.90 -15.65
C TYR A 97 1.22 -4.76 -16.37
N GLY A 98 1.48 -3.52 -15.93
CA GLY A 98 0.81 -2.34 -16.49
C GLY A 98 -0.45 -1.98 -15.72
N PRO A 99 -1.02 -0.79 -15.99
CA PRO A 99 -2.21 -0.29 -15.29
C PRO A 99 -3.45 -1.17 -15.42
N ARG A 100 -3.48 -2.03 -16.45
CA ARG A 100 -4.57 -3.00 -16.62
C ARG A 100 -4.17 -4.39 -16.10
N TRP A 101 -3.32 -4.41 -15.06
CA TRP A 101 -2.80 -5.65 -14.49
C TRP A 101 -3.90 -6.62 -14.11
N GLN A 102 -4.96 -6.11 -13.49
CA GLN A 102 -6.02 -6.94 -12.94
C GLN A 102 -6.76 -7.74 -14.02
N GLU A 103 -6.59 -7.34 -15.28
CA GLU A 103 -7.19 -8.03 -16.42
C GLU A 103 -6.24 -8.99 -17.12
N VAL A 104 -4.94 -8.84 -16.90
CA VAL A 104 -3.93 -9.60 -17.65
C VAL A 104 -3.13 -10.61 -16.83
N ILE A 105 -3.10 -10.45 -15.51
CA ILE A 105 -2.31 -11.34 -14.64
C ILE A 105 -2.81 -12.78 -14.71
N PRO A 106 -1.88 -13.75 -14.62
CA PRO A 106 -2.29 -15.14 -14.78
C PRO A 106 -2.83 -15.74 -13.48
N TYR A 107 -3.76 -16.68 -13.62
CA TYR A 107 -4.35 -17.36 -12.48
C TYR A 107 -4.32 -18.88 -12.74
N THR A 108 -3.14 -19.46 -12.51
CA THR A 108 -2.89 -20.88 -12.81
C THR A 108 -3.60 -21.82 -11.82
N PRO A 109 -3.81 -23.10 -12.22
CA PRO A 109 -4.41 -24.11 -11.34
C PRO A 109 -3.72 -24.26 -9.98
N ALA A 110 -2.38 -24.19 -9.96
CA ALA A 110 -1.63 -24.29 -8.70
C ALA A 110 -1.95 -23.13 -7.77
N MET A 111 -2.11 -21.94 -8.33
CA MET A 111 -2.57 -20.77 -7.59
C MET A 111 -3.98 -21.04 -7.07
N GLN A 112 -4.85 -21.56 -7.93
CA GLN A 112 -6.25 -21.81 -7.62
C GLN A 112 -6.45 -22.76 -6.44
N ARG A 113 -5.63 -23.81 -6.38
CA ARG A 113 -5.67 -24.76 -5.27
C ARG A 113 -5.35 -24.08 -3.94
N TYR A 114 -4.28 -23.30 -3.93
CA TYR A 114 -3.88 -22.51 -2.76
C TYR A 114 -5.02 -21.61 -2.31
N VAL A 115 -5.58 -20.85 -3.26
CA VAL A 115 -6.68 -19.92 -3.00
C VAL A 115 -7.93 -20.65 -2.50
N LYS A 116 -8.24 -21.77 -3.13
CA LYS A 116 -9.37 -22.61 -2.72
C LYS A 116 -9.23 -23.11 -1.28
N ARG A 117 -8.01 -23.51 -0.89
CA ARG A 117 -7.74 -23.99 0.46
C ARG A 117 -7.95 -22.90 1.51
N LEU A 118 -7.43 -21.71 1.24
CA LEU A 118 -7.54 -20.58 2.18
C LEU A 118 -8.99 -20.20 2.42
N HIS A 119 -9.80 -20.21 1.35
CA HIS A 119 -11.24 -19.92 1.46
C HIS A 119 -12.04 -21.04 2.13
N GLU A 120 -11.54 -22.27 2.03
CA GLU A 120 -12.19 -23.38 2.73
C GLU A 120 -11.85 -23.37 4.21
N VAL A 121 -10.58 -23.13 4.51
CA VAL A 121 -10.10 -22.99 5.89
C VAL A 121 -10.75 -21.79 6.55
N GLY A 122 -10.94 -20.71 5.78
CA GLY A 122 -11.58 -19.51 6.30
C GLY A 122 -13.02 -19.73 6.76
N ARG A 123 -13.82 -20.37 5.92
CA ARG A 123 -15.25 -20.52 6.18
C ARG A 123 -15.60 -21.68 7.12
N THR A 124 -14.94 -22.82 6.95
CA THR A 124 -15.34 -24.05 7.66
C THR A 124 -14.47 -24.44 8.85
N GLU A 125 -13.20 -24.05 8.85
CA GLU A 125 -12.33 -24.30 10.01
C GLU A 125 -11.29 -23.19 10.24
N PRO A 126 -11.74 -22.04 10.78
CA PRO A 126 -10.91 -20.84 10.95
C PRO A 126 -9.81 -20.98 12.00
N GLU A 127 -9.93 -21.98 12.87
CA GLU A 127 -8.93 -22.24 13.91
C GLU A 127 -7.59 -22.68 13.32
N LEU A 128 -7.61 -23.06 12.05
CA LEU A 128 -6.39 -23.48 11.32
C LEU A 128 -5.74 -22.33 10.56
N LEU A 129 -6.48 -21.24 10.36
CA LEU A 129 -6.00 -20.08 9.61
C LEU A 129 -4.67 -19.52 10.13
N VAL A 130 -4.40 -19.75 11.42
CA VAL A 130 -3.12 -19.38 12.03
C VAL A 130 -1.95 -20.13 11.38
N ALA A 131 -2.19 -21.36 10.94
CA ALA A 131 -1.16 -22.16 10.27
C ALA A 131 -0.72 -21.48 8.98
N HIS A 132 -1.68 -21.00 8.19
CA HIS A 132 -1.40 -20.28 6.96
C HIS A 132 -0.78 -18.92 7.22
N ALA A 133 -1.32 -18.21 8.22
CA ALA A 133 -0.78 -16.93 8.65
C ALA A 133 0.67 -17.06 9.07
N TYR A 134 0.97 -18.08 9.88
CA TYR A 134 2.35 -18.40 10.28
C TYR A 134 3.24 -18.66 9.07
N THR A 135 2.76 -19.48 8.14
CA THR A 135 3.51 -19.89 6.96
C THR A 135 3.82 -18.69 6.06
N ARG A 136 2.78 -17.95 5.68
CA ARG A 136 2.90 -16.80 4.78
C ARG A 136 3.64 -15.62 5.39
N TYR A 137 3.11 -15.08 6.49
CA TYR A 137 3.65 -13.85 7.09
C TYR A 137 5.03 -14.05 7.71
N LEU A 138 5.14 -14.97 8.66
CA LEU A 138 6.40 -15.21 9.36
C LEU A 138 7.47 -15.72 8.40
N GLY A 139 7.02 -16.41 7.34
CA GLY A 139 7.91 -16.87 6.27
C GLY A 139 8.42 -15.71 5.44
N ASP A 140 7.50 -14.91 4.91
CA ASP A 140 7.85 -13.78 4.04
C ASP A 140 8.52 -12.62 4.81
N LEU A 141 8.39 -12.64 6.13
CA LEU A 141 9.01 -11.66 7.01
C LEU A 141 10.47 -12.01 7.32
N SER A 142 10.80 -13.29 7.12
CA SER A 142 12.14 -13.78 7.39
C SER A 142 13.06 -13.60 6.19
N GLY A 143 12.55 -13.91 5.00
CA GLY A 143 13.37 -13.98 3.79
C GLY A 143 13.46 -12.73 2.93
N GLY A 144 12.41 -11.90 2.98
CA GLY A 144 12.28 -10.69 2.15
C GLY A 144 13.56 -9.92 1.86
N GLN A 145 14.31 -9.57 2.91
CA GLN A 145 15.51 -8.71 2.79
C GLN A 145 16.59 -9.25 1.84
N VAL A 146 16.94 -10.52 2.00
CA VAL A 146 17.93 -11.17 1.15
C VAL A 146 17.37 -11.46 -0.26
N LEU A 147 16.14 -11.98 -0.31
CA LEU A 147 15.48 -12.28 -1.59
C LEU A 147 15.34 -11.04 -2.49
N LYS A 148 15.18 -9.87 -1.88
CA LYS A 148 15.18 -8.60 -2.61
C LYS A 148 16.56 -8.31 -3.20
N LYS A 149 17.60 -8.46 -2.38
CA LYS A 149 18.99 -8.24 -2.78
C LYS A 149 19.38 -9.12 -3.98
N ILE A 150 18.89 -10.36 -3.99
CA ILE A 150 19.12 -11.28 -5.10
C ILE A 150 18.36 -10.82 -6.35
N ALA A 151 17.04 -10.61 -6.20
CA ALA A 151 16.18 -10.16 -7.29
C ALA A 151 16.66 -8.85 -7.91
N GLN A 152 16.98 -7.87 -7.06
CA GLN A 152 17.47 -6.56 -7.50
C GLN A 152 18.69 -6.69 -8.41
N LYS A 153 19.58 -7.63 -8.08
CA LYS A 153 20.83 -7.82 -8.83
C LYS A 153 20.59 -8.49 -10.18
N ALA A 154 19.73 -9.51 -10.19
CA ALA A 154 19.49 -10.32 -11.39
C ALA A 154 18.60 -9.64 -12.43
N LEU A 155 17.61 -8.88 -11.96
CA LEU A 155 16.61 -8.28 -12.84
C LEU A 155 17.07 -6.97 -13.46
N ASP A 156 17.95 -6.26 -12.77
CA ASP A 156 18.47 -4.96 -13.23
C ASP A 156 17.38 -4.00 -13.74
N LEU A 157 16.28 -3.93 -12.99
CA LEU A 157 15.15 -3.06 -13.33
C LEU A 157 15.55 -1.58 -13.27
N PRO A 158 14.72 -0.68 -13.84
CA PRO A 158 15.11 0.74 -13.92
C PRO A 158 15.03 1.46 -12.58
N SER A 159 15.54 2.69 -12.54
CA SER A 159 15.45 3.55 -11.37
C SER A 159 14.09 4.24 -11.33
N SER A 160 13.03 3.43 -11.38
CA SER A 160 11.66 3.93 -11.39
C SER A 160 11.03 3.97 -9.99
N GLY A 161 11.71 3.37 -9.02
CA GLY A 161 11.27 3.39 -7.63
C GLY A 161 9.98 2.63 -7.35
N GLU A 162 9.75 1.57 -8.11
CA GLU A 162 8.56 0.73 -7.98
C GLU A 162 8.85 -0.74 -8.25
N GLY A 163 8.00 -1.61 -7.73
CA GLY A 163 8.01 -3.02 -8.12
C GLY A 163 8.49 -4.01 -7.08
N LEU A 164 9.10 -3.52 -6.01
CA LEU A 164 9.58 -4.37 -4.92
C LEU A 164 9.04 -3.95 -3.55
N ALA A 165 7.91 -3.24 -3.57
CA ALA A 165 7.28 -2.73 -2.35
C ALA A 165 6.91 -3.84 -1.35
N PHE A 166 6.56 -5.01 -1.88
CA PHE A 166 6.21 -6.20 -1.09
C PHE A 166 7.30 -6.62 -0.09
N PHE A 167 8.55 -6.38 -0.45
CA PHE A 167 9.69 -6.83 0.36
C PHE A 167 10.00 -5.91 1.54
N THR A 168 9.20 -4.85 1.69
CA THR A 168 9.35 -3.92 2.81
C THR A 168 8.06 -3.84 3.60
N PHE A 169 8.17 -4.12 4.90
CA PHE A 169 7.05 -4.02 5.83
C PHE A 169 7.16 -2.70 6.61
N PRO A 170 6.58 -1.60 6.07
CA PRO A 170 6.85 -0.26 6.56
C PRO A 170 6.38 0.02 8.01
N ASN A 171 5.41 -0.74 8.50
CA ASN A 171 4.92 -0.56 9.85
C ASN A 171 5.58 -1.50 10.85
N ILE A 172 6.61 -2.23 10.39
CA ILE A 172 7.44 -3.07 11.25
C ILE A 172 8.87 -2.51 11.28
N ALA A 173 9.24 -1.93 12.41
CA ALA A 173 10.55 -1.32 12.60
C ALA A 173 11.65 -2.37 12.62
N SER A 174 11.49 -3.37 13.48
CA SER A 174 12.44 -4.48 13.56
C SER A 174 11.71 -5.80 13.36
N ALA A 175 12.10 -6.52 12.30
CA ALA A 175 11.48 -7.78 11.96
C ALA A 175 11.68 -8.80 13.08
N THR A 176 12.88 -8.78 13.68
CA THR A 176 13.23 -9.74 14.73
C THR A 176 12.38 -9.57 15.98
N LYS A 177 12.16 -8.31 16.38
CA LYS A 177 11.32 -8.02 17.54
C LYS A 177 9.85 -8.37 17.31
N PHE A 178 9.35 -8.14 16.09
CA PHE A 178 7.97 -8.46 15.75
C PHE A 178 7.73 -9.97 15.70
N LYS A 179 8.70 -10.71 15.15
CA LYS A 179 8.60 -12.16 15.11
C LYS A 179 8.51 -12.72 16.52
N GLN A 180 9.37 -12.23 17.41
CA GLN A 180 9.28 -12.52 18.84
C GLN A 180 7.85 -12.31 19.34
N LEU A 181 7.34 -11.10 19.14
CA LEU A 181 5.98 -10.75 19.54
C LEU A 181 4.93 -11.66 18.90
N TYR A 182 5.08 -11.93 17.61
CA TYR A 182 4.11 -12.77 16.88
C TYR A 182 4.09 -14.20 17.39
N ARG A 183 5.27 -14.71 17.80
CA ARG A 183 5.36 -16.04 18.41
C ARG A 183 4.68 -16.09 19.77
N SER A 184 4.86 -15.05 20.58
CA SER A 184 4.18 -14.95 21.87
C SER A 184 2.67 -15.06 21.72
N ARG A 185 2.14 -14.35 20.72
CA ARG A 185 0.70 -14.32 20.46
C ARG A 185 0.18 -15.66 19.94
N MET A 186 1.03 -16.41 19.26
CA MET A 186 0.68 -17.76 18.80
C MET A 186 0.67 -18.73 19.98
N ASN A 187 1.60 -18.53 20.90
CA ASN A 187 1.70 -19.32 22.12
C ASN A 187 0.51 -19.11 23.05
N SER A 188 -0.12 -17.93 22.97
CA SER A 188 -1.24 -17.59 23.85
C SER A 188 -2.60 -18.06 23.32
N LEU A 189 -2.60 -18.70 22.16
CA LEU A 189 -3.82 -19.23 21.52
C LEU A 189 -4.42 -20.41 22.30
N GLU A 190 -5.66 -20.25 22.75
CA GLU A 190 -6.36 -21.30 23.46
C GLU A 190 -6.87 -22.37 22.51
N MET A 191 -6.37 -23.59 22.66
CA MET A 191 -6.77 -24.72 21.81
C MET A 191 -6.50 -26.09 22.44
N THR A 192 -7.45 -27.00 22.27
CA THR A 192 -7.32 -28.38 22.74
C THR A 192 -6.19 -29.07 21.98
N PRO A 193 -5.43 -29.98 22.66
CA PRO A 193 -4.32 -30.67 22.00
C PRO A 193 -4.72 -31.45 20.73
N ALA A 194 -6.03 -31.53 20.46
CA ALA A 194 -6.56 -32.14 19.25
C ALA A 194 -6.56 -31.17 18.06
N VAL A 195 -6.97 -29.92 18.30
CA VAL A 195 -6.88 -28.85 17.30
C VAL A 195 -5.41 -28.53 17.06
N ARG A 196 -4.63 -28.51 18.15
CA ARG A 196 -3.17 -28.42 18.10
C ARG A 196 -2.58 -29.35 17.04
N GLN A 197 -3.20 -30.52 16.87
CA GLN A 197 -2.78 -31.48 15.87
C GLN A 197 -3.09 -30.96 14.46
N ARG A 198 -4.32 -30.48 14.26
CA ARG A 198 -4.78 -30.03 12.95
C ARG A 198 -4.09 -28.74 12.47
N VAL A 199 -3.69 -27.88 13.41
CA VAL A 199 -2.92 -26.68 13.09
C VAL A 199 -1.56 -27.05 12.50
N ILE A 200 -0.90 -28.02 13.13
CA ILE A 200 0.38 -28.54 12.63
C ILE A 200 0.20 -29.26 11.28
N GLU A 201 -0.90 -29.99 11.13
CA GLU A 201 -1.20 -30.67 9.87
C GLU A 201 -1.52 -29.71 8.73
N GLU A 202 -2.24 -28.62 9.05
CA GLU A 202 -2.57 -27.60 8.06
C GLU A 202 -1.36 -26.77 7.68
N ALA A 203 -0.43 -26.62 8.62
CA ALA A 203 0.85 -25.96 8.35
C ALA A 203 1.68 -26.78 7.36
N LYS A 204 1.65 -28.10 7.52
CA LYS A 204 2.28 -29.02 6.58
C LYS A 204 1.60 -28.90 5.21
N THR A 205 0.27 -28.87 5.20
CA THR A 205 -0.53 -28.64 3.98
C THR A 205 -0.13 -27.33 3.29
N ALA A 206 0.10 -26.29 4.10
CA ALA A 206 0.48 -24.97 3.60
C ALA A 206 1.79 -25.01 2.82
N PHE A 207 2.79 -25.69 3.38
CA PHE A 207 4.08 -25.87 2.73
C PHE A 207 3.94 -26.66 1.42
N LEU A 208 3.22 -27.78 1.49
CA LEU A 208 2.90 -28.59 0.32
C LEU A 208 2.38 -27.78 -0.85
N LEU A 209 1.45 -26.86 -0.57
CA LEU A 209 0.85 -26.00 -1.58
C LEU A 209 1.85 -25.03 -2.20
N ASN A 210 2.81 -24.60 -1.39
CA ASN A 210 3.88 -23.72 -1.86
C ASN A 210 4.86 -24.43 -2.80
N ILE A 211 5.39 -25.57 -2.35
CA ILE A 211 6.27 -26.41 -3.17
C ILE A 211 5.58 -26.83 -4.46
N GLN A 212 4.31 -27.21 -4.35
CA GLN A 212 3.50 -27.59 -5.50
C GLN A 212 3.35 -26.44 -6.49
N LEU A 213 3.37 -25.21 -5.97
CA LEU A 213 3.28 -24.01 -6.80
C LEU A 213 4.57 -23.77 -7.59
N PHE A 214 5.71 -23.89 -6.92
CA PHE A 214 7.02 -23.73 -7.57
C PHE A 214 7.28 -24.77 -8.65
N GLU A 215 6.61 -25.91 -8.54
CA GLU A 215 6.73 -26.97 -9.53
C GLU A 215 5.92 -26.68 -10.78
N GLU A 216 4.75 -26.09 -10.61
CA GLU A 216 3.92 -25.69 -11.75
C GLU A 216 4.51 -24.45 -12.44
N LEU A 217 5.16 -23.59 -11.65
CA LEU A 217 5.80 -22.39 -12.19
C LEU A 217 7.00 -22.76 -13.06
N GLN A 218 7.76 -23.76 -12.63
CA GLN A 218 8.95 -24.20 -13.37
C GLN A 218 8.58 -24.98 -14.64
N GLU A 219 7.47 -25.71 -14.60
CA GLU A 219 6.95 -26.39 -15.79
C GLU A 219 6.47 -25.39 -16.84
N LEU A 220 6.04 -24.20 -16.39
CA LEU A 220 5.57 -23.16 -17.28
C LEU A 220 6.72 -22.35 -17.88
N LEU A 221 7.74 -22.08 -17.06
CA LEU A 221 8.85 -21.21 -17.47
C LEU A 221 9.82 -21.87 -18.45
N THR A 222 10.15 -23.13 -18.21
CA THR A 222 11.06 -23.89 -19.07
C THR A 222 10.28 -24.79 -20.03
N HIS A 223 9.28 -24.20 -20.70
CA HIS A 223 8.34 -24.91 -21.58
C HIS A 223 7.59 -26.00 -20.83
N PRO B 10 -21.23 24.73 -17.15
CA PRO B 10 -21.73 25.88 -16.40
C PRO B 10 -21.93 25.61 -14.90
N GLN B 11 -23.15 25.31 -14.48
CA GLN B 11 -23.50 25.15 -13.07
C GLN B 11 -22.89 23.95 -12.34
N ASP B 12 -22.37 22.98 -13.09
CA ASP B 12 -21.82 21.75 -12.51
C ASP B 12 -20.67 22.01 -11.52
N LEU B 13 -20.77 21.37 -10.35
CA LEU B 13 -19.84 21.60 -9.24
C LEU B 13 -18.37 21.43 -9.62
N SER B 14 -18.08 20.40 -10.40
CA SER B 14 -16.73 20.12 -10.87
C SER B 14 -16.20 21.21 -11.82
N GLU B 15 -17.09 21.77 -12.63
CA GLU B 15 -16.74 22.87 -13.53
C GLU B 15 -16.65 24.19 -12.77
N ALA B 16 -17.45 24.33 -11.73
CA ALA B 16 -17.43 25.50 -10.85
C ALA B 16 -16.15 25.55 -10.01
N LEU B 17 -15.81 24.42 -9.39
CA LEU B 17 -14.60 24.29 -8.59
C LEU B 17 -13.33 24.62 -9.39
N LYS B 18 -13.31 24.16 -10.65
CA LYS B 18 -12.20 24.44 -11.56
C LYS B 18 -12.09 25.93 -11.90
N GLU B 19 -13.23 26.54 -12.21
CA GLU B 19 -13.28 27.96 -12.56
C GLU B 19 -12.86 28.81 -11.36
N ALA B 20 -13.47 28.58 -10.21
CA ALA B 20 -13.28 29.38 -9.01
C ALA B 20 -11.85 29.32 -8.43
N THR B 21 -11.16 28.21 -8.64
CA THR B 21 -9.82 28.04 -8.09
C THR B 21 -8.72 28.16 -9.15
N LYS B 22 -8.99 28.91 -10.22
CA LYS B 22 -8.02 29.06 -11.30
C LYS B 22 -6.90 30.03 -10.93
N GLU B 23 -7.25 31.13 -10.27
CA GLU B 23 -6.28 32.12 -9.79
C GLU B 23 -5.39 31.54 -8.68
N VAL B 24 -5.99 30.74 -7.80
CA VAL B 24 -5.27 30.09 -6.70
C VAL B 24 -4.34 29.00 -7.22
N HIS B 25 -4.74 28.37 -8.32
CA HIS B 25 -3.93 27.36 -9.01
C HIS B 25 -2.70 28.01 -9.62
N THR B 26 -2.88 29.22 -10.16
CA THR B 26 -1.78 30.02 -10.70
C THR B 26 -0.80 30.39 -9.59
N GLN B 27 -1.35 30.78 -8.43
CA GLN B 27 -0.55 31.06 -7.24
C GLN B 27 0.26 29.84 -6.82
N ALA B 28 -0.31 28.65 -7.03
CA ALA B 28 0.37 27.40 -6.76
C ALA B 28 1.51 27.14 -7.76
N GLU B 29 1.23 27.36 -9.04
CA GLU B 29 2.22 27.24 -10.10
C GLU B 29 3.36 28.26 -9.96
N ASN B 30 3.07 29.33 -9.24
CA ASN B 30 4.03 30.42 -9.01
C ASN B 30 4.97 30.17 -7.84
N ALA B 31 4.63 29.20 -6.99
CA ALA B 31 5.47 28.85 -5.84
C ALA B 31 6.83 28.39 -6.33
N GLU B 32 7.88 29.01 -5.79
CA GLU B 32 9.26 28.73 -6.22
C GLU B 32 9.55 27.23 -6.22
N PHE B 33 9.15 26.55 -5.15
CA PHE B 33 9.36 25.11 -5.03
C PHE B 33 8.80 24.37 -6.23
N MET B 34 7.58 24.72 -6.62
CA MET B 34 6.91 24.08 -7.75
C MET B 34 7.46 24.53 -9.10
N ARG B 35 8.03 25.73 -9.15
CA ARG B 35 8.75 26.20 -10.34
C ARG B 35 10.06 25.42 -10.47
N ASN B 36 10.73 25.20 -9.35
CA ASN B 36 11.93 24.38 -9.30
C ASN B 36 11.66 22.94 -9.71
N PHE B 37 10.45 22.45 -9.45
CA PHE B 37 10.08 21.09 -9.77
C PHE B 37 9.80 20.90 -11.25
N GLN B 38 9.03 21.82 -11.85
CA GLN B 38 8.72 21.79 -13.29
C GLN B 38 10.01 21.73 -14.11
N LYS B 39 10.94 22.64 -13.81
CA LYS B 39 12.28 22.62 -14.39
C LYS B 39 13.14 21.68 -13.55
N GLY B 40 12.89 20.38 -13.69
CA GLY B 40 13.48 19.31 -12.85
C GLY B 40 14.69 19.59 -11.98
N GLN B 41 14.52 20.47 -10.99
CA GLN B 41 15.61 20.86 -10.11
C GLN B 41 15.17 20.84 -8.65
N VAL B 42 15.15 19.64 -8.06
CA VAL B 42 14.81 19.47 -6.65
C VAL B 42 15.75 18.45 -6.02
N THR B 43 16.09 18.67 -4.76
CA THR B 43 17.07 17.84 -4.05
C THR B 43 16.43 16.64 -3.33
N ARG B 44 17.26 15.78 -2.78
CA ARG B 44 16.84 14.55 -2.10
C ARG B 44 16.06 14.84 -0.81
N ASP B 45 16.60 15.75 0.00
CA ASP B 45 15.92 16.17 1.23
C ASP B 45 14.75 17.10 0.93
N GLY B 46 14.75 17.67 -0.27
CA GLY B 46 13.66 18.52 -0.74
C GLY B 46 12.43 17.69 -1.09
N PHE B 47 12.66 16.55 -1.73
CA PHE B 47 11.60 15.60 -2.07
C PHE B 47 11.09 14.89 -0.83
N LYS B 48 11.99 14.67 0.14
CA LYS B 48 11.66 14.00 1.40
C LYS B 48 10.64 14.78 2.23
N LEU B 49 10.78 16.10 2.27
CA LEU B 49 9.83 16.97 2.97
C LEU B 49 8.44 16.92 2.35
N VAL B 50 8.38 16.62 1.05
CA VAL B 50 7.12 16.51 0.34
C VAL B 50 6.41 15.20 0.70
N MET B 51 7.16 14.10 0.72
CA MET B 51 6.62 12.80 1.11
C MET B 51 6.11 12.86 2.55
N ALA B 52 6.95 13.41 3.44
CA ALA B 52 6.59 13.61 4.83
C ALA B 52 5.33 14.46 4.94
N SER B 53 5.25 15.47 4.08
CA SER B 53 4.10 16.38 4.03
C SER B 53 2.80 15.65 3.64
N LEU B 54 2.84 14.96 2.50
CA LEU B 54 1.69 14.22 1.99
C LEU B 54 1.18 13.18 2.98
N TYR B 55 2.09 12.58 3.75
CA TYR B 55 1.75 11.55 4.72
C TYR B 55 0.81 12.08 5.79
N HIS B 56 1.19 13.19 6.42
CA HIS B 56 0.38 13.80 7.46
C HIS B 56 -0.96 14.28 6.93
N ILE B 57 -0.97 14.77 5.69
CA ILE B 57 -2.18 15.24 5.06
C ILE B 57 -3.14 14.08 4.82
N TYR B 58 -2.65 13.04 4.15
CA TYR B 58 -3.49 11.90 3.81
C TYR B 58 -3.98 11.09 5.01
N VAL B 59 -3.10 10.88 6.00
CA VAL B 59 -3.51 10.27 7.27
C VAL B 59 -4.72 11.02 7.84
N ALA B 60 -4.64 12.34 7.82
CA ALA B 60 -5.69 13.21 8.36
C ALA B 60 -6.97 13.18 7.51
N LEU B 61 -6.81 13.34 6.20
CA LEU B 61 -7.96 13.34 5.29
C LEU B 61 -8.71 12.01 5.32
N GLU B 62 -7.96 10.90 5.31
CA GLU B 62 -8.53 9.56 5.29
C GLU B 62 -9.13 9.18 6.65
N GLU B 63 -8.64 9.83 7.70
CA GLU B 63 -9.20 9.66 9.04
C GLU B 63 -10.59 10.27 9.09
N GLU B 64 -10.77 11.41 8.43
CA GLU B 64 -12.05 12.11 8.39
C GLU B 64 -13.00 11.51 7.35
N ILE B 65 -12.43 10.88 6.33
CA ILE B 65 -13.23 10.21 5.30
C ILE B 65 -13.96 9.00 5.88
N GLU B 66 -13.25 8.20 6.67
CA GLU B 66 -13.84 7.04 7.34
C GLU B 66 -14.89 7.43 8.37
N ARG B 67 -14.69 8.59 9.00
CA ARG B 67 -15.63 9.12 9.99
C ARG B 67 -16.96 9.57 9.36
N ASN B 68 -16.90 9.97 8.08
CA ASN B 68 -18.06 10.57 7.42
C ASN B 68 -18.53 9.80 6.18
N LYS B 69 -18.07 8.55 6.04
CA LYS B 69 -18.31 7.76 4.83
C LYS B 69 -19.76 7.38 4.53
N GLU B 70 -20.61 7.32 5.56
CA GLU B 70 -22.01 6.95 5.39
C GLU B 70 -22.89 8.18 5.10
N SER B 71 -22.42 9.34 5.54
CA SER B 71 -23.15 10.60 5.40
C SER B 71 -23.47 10.94 3.94
N PRO B 72 -24.73 11.35 3.66
CA PRO B 72 -25.18 11.73 2.33
C PRO B 72 -24.46 12.94 1.73
N VAL B 73 -23.60 13.61 2.50
CA VAL B 73 -22.79 14.70 1.96
C VAL B 73 -21.39 14.25 1.54
N PHE B 74 -21.06 12.98 1.77
CA PHE B 74 -19.77 12.42 1.32
C PHE B 74 -19.84 11.04 0.65
N ALA B 75 -20.78 10.19 1.06
CA ALA B 75 -20.90 8.83 0.54
C ALA B 75 -20.67 8.66 -0.98
N PRO B 76 -21.31 9.50 -1.82
CA PRO B 76 -21.11 9.38 -3.27
C PRO B 76 -19.67 9.53 -3.78
N VAL B 77 -18.80 10.24 -3.06
CA VAL B 77 -17.39 10.36 -3.48
C VAL B 77 -16.44 9.52 -2.62
N TYR B 78 -16.99 8.45 -2.03
CA TYR B 78 -16.23 7.51 -1.24
C TYR B 78 -15.76 6.36 -2.13
N PHE B 79 -14.45 6.26 -2.30
CA PHE B 79 -13.84 5.18 -3.08
C PHE B 79 -12.57 4.69 -2.35
N PRO B 80 -12.76 3.95 -1.24
CA PRO B 80 -11.62 3.52 -0.41
C PRO B 80 -10.54 2.78 -1.20
N GLU B 81 -10.93 1.79 -2.00
CA GLU B 81 -9.98 0.92 -2.70
C GLU B 81 -9.23 1.63 -3.82
N GLU B 82 -9.92 2.52 -4.53
CA GLU B 82 -9.34 3.21 -5.68
C GLU B 82 -8.33 4.27 -5.26
N LEU B 83 -8.62 4.94 -4.14
CA LEU B 83 -7.97 6.21 -3.82
C LEU B 83 -7.10 6.24 -2.56
N HIS B 84 -7.21 5.24 -1.70
CA HIS B 84 -6.43 5.27 -0.44
C HIS B 84 -4.93 5.41 -0.73
N ARG B 85 -4.28 6.27 0.05
CA ARG B 85 -2.88 6.63 -0.18
C ARG B 85 -1.96 6.26 0.98
N LYS B 86 -2.52 6.21 2.18
CA LYS B 86 -1.77 5.98 3.42
C LYS B 86 -0.72 4.89 3.30
N ALA B 87 -1.12 3.72 2.80
CA ALA B 87 -0.20 2.60 2.63
C ALA B 87 0.96 2.93 1.69
N ALA B 88 0.63 3.48 0.52
CA ALA B 88 1.64 3.82 -0.49
C ALA B 88 2.69 4.79 0.05
N LEU B 89 2.28 5.65 0.98
CA LEU B 89 3.18 6.64 1.56
C LEU B 89 4.05 6.04 2.65
N GLU B 90 3.49 5.11 3.43
CA GLU B 90 4.25 4.34 4.41
C GLU B 90 5.36 3.58 3.71
N GLN B 91 5.04 2.96 2.57
CA GLN B 91 6.04 2.24 1.78
C GLN B 91 7.15 3.17 1.34
N ASP B 92 6.79 4.37 0.92
CA ASP B 92 7.74 5.35 0.40
C ASP B 92 8.63 5.95 1.49
N LEU B 93 8.02 6.32 2.62
CA LEU B 93 8.75 6.91 3.72
C LEU B 93 9.72 5.93 4.36
N ALA B 94 9.33 4.66 4.42
CA ALA B 94 10.21 3.59 4.89
C ALA B 94 11.49 3.51 4.05
N PHE B 95 11.37 3.77 2.75
CA PHE B 95 12.52 3.87 1.88
C PHE B 95 13.33 5.14 2.13
N TRP B 96 12.64 6.28 2.22
CA TRP B 96 13.32 7.57 2.32
C TRP B 96 13.97 7.81 3.68
N TYR B 97 13.31 7.39 4.75
CA TYR B 97 13.74 7.68 6.11
C TYR B 97 14.24 6.44 6.89
N GLY B 98 14.20 5.27 6.26
CA GLY B 98 14.60 4.03 6.93
C GLY B 98 13.46 3.36 7.69
N PRO B 99 13.77 2.26 8.40
CA PRO B 99 12.75 1.47 9.12
C PRO B 99 12.10 2.20 10.28
N ARG B 100 12.80 3.19 10.87
CA ARG B 100 12.25 3.98 11.97
C ARG B 100 11.72 5.32 11.50
N TRP B 101 11.24 5.37 10.26
CA TRP B 101 10.74 6.61 9.63
C TRP B 101 9.73 7.39 10.47
N GLN B 102 8.86 6.68 11.19
CA GLN B 102 7.76 7.31 11.93
C GLN B 102 8.24 8.15 13.11
N GLU B 103 9.41 7.79 13.64
CA GLU B 103 10.00 8.52 14.76
C GLU B 103 10.84 9.71 14.30
N VAL B 104 11.26 9.71 13.04
CA VAL B 104 12.23 10.71 12.56
C VAL B 104 11.72 11.75 11.56
N ILE B 105 10.53 11.51 10.97
CA ILE B 105 10.00 12.45 9.97
C ILE B 105 9.61 13.79 10.60
N PRO B 106 9.72 14.89 9.84
CA PRO B 106 9.36 16.22 10.33
C PRO B 106 7.85 16.45 10.42
N TYR B 107 7.45 17.39 11.28
CA TYR B 107 6.05 17.81 11.36
C TYR B 107 6.01 19.32 11.61
N THR B 108 6.16 20.08 10.53
CA THR B 108 6.31 21.54 10.58
C THR B 108 4.98 22.28 10.77
N PRO B 109 5.05 23.56 11.20
CA PRO B 109 3.85 24.39 11.46
C PRO B 109 2.86 24.53 10.31
N ALA B 110 3.31 24.37 9.06
CA ALA B 110 2.40 24.47 7.91
C ALA B 110 1.67 23.15 7.63
N MET B 111 2.38 22.04 7.82
CA MET B 111 1.77 20.72 7.78
C MET B 111 0.69 20.65 8.85
N GLN B 112 1.02 21.13 10.05
CA GLN B 112 0.09 21.19 11.19
C GLN B 112 -1.19 21.93 10.85
N ARG B 113 -1.07 23.11 10.22
CA ARG B 113 -2.23 23.92 9.85
C ARG B 113 -3.13 23.24 8.81
N TYR B 114 -2.52 22.58 7.84
CA TYR B 114 -3.26 21.81 6.85
C TYR B 114 -4.06 20.71 7.55
N VAL B 115 -3.39 19.99 8.44
CA VAL B 115 -4.01 18.91 9.23
C VAL B 115 -5.10 19.48 10.13
N LYS B 116 -4.80 20.59 10.78
CA LYS B 116 -5.73 21.27 11.69
C LYS B 116 -7.06 21.56 11.00
N ARG B 117 -7.00 22.13 9.80
CA ARG B 117 -8.20 22.45 9.03
C ARG B 117 -8.94 21.20 8.60
N LEU B 118 -8.20 20.13 8.29
CA LEU B 118 -8.81 18.87 7.86
C LEU B 118 -9.68 18.25 8.95
N HIS B 119 -9.16 18.20 10.18
CA HIS B 119 -9.92 17.68 11.33
C HIS B 119 -11.08 18.61 11.71
N GLU B 120 -10.88 19.92 11.57
CA GLU B 120 -11.95 20.89 11.78
C GLU B 120 -13.11 20.68 10.81
N VAL B 121 -12.78 20.32 9.57
CA VAL B 121 -13.76 20.08 8.53
C VAL B 121 -14.50 18.75 8.76
N GLY B 122 -13.76 17.69 9.04
CA GLY B 122 -14.36 16.37 9.25
C GLY B 122 -15.29 16.30 10.45
N ARG B 123 -15.07 17.16 11.43
CA ARG B 123 -15.86 17.13 12.68
C ARG B 123 -17.01 18.14 12.69
N THR B 124 -16.73 19.38 12.33
CA THR B 124 -17.74 20.45 12.38
C THR B 124 -18.48 20.66 11.06
N GLU B 125 -17.74 20.66 9.95
CA GLU B 125 -18.33 20.89 8.63
C GLU B 125 -18.08 19.73 7.65
N PRO B 126 -18.70 18.56 7.89
CA PRO B 126 -18.46 17.40 7.03
C PRO B 126 -18.89 17.60 5.56
N GLU B 127 -19.78 18.57 5.33
CA GLU B 127 -20.22 18.90 3.97
C GLU B 127 -19.11 19.51 3.11
N LEU B 128 -18.11 20.11 3.75
CA LEU B 128 -17.00 20.74 3.02
C LEU B 128 -15.83 19.79 2.76
N LEU B 129 -15.95 18.55 3.25
CA LEU B 129 -14.89 17.54 3.10
C LEU B 129 -14.62 17.20 1.63
N VAL B 130 -15.62 17.40 0.78
CA VAL B 130 -15.50 17.14 -0.66
C VAL B 130 -14.49 18.10 -1.32
N ALA B 131 -14.39 19.31 -0.80
CA ALA B 131 -13.47 20.31 -1.34
C ALA B 131 -12.02 19.91 -1.13
N HIS B 132 -11.73 19.28 0.00
CA HIS B 132 -10.38 18.81 0.31
C HIS B 132 -10.04 17.52 -0.40
N ALA B 133 -11.05 16.67 -0.60
CA ALA B 133 -10.91 15.42 -1.34
C ALA B 133 -10.68 15.69 -2.82
N TYR B 134 -11.43 16.64 -3.37
CA TYR B 134 -11.25 17.11 -4.74
C TYR B 134 -9.84 17.69 -4.94
N THR B 135 -9.44 18.59 -4.03
CA THR B 135 -8.13 19.25 -4.10
C THR B 135 -6.98 18.23 -4.07
N ARG B 136 -7.10 17.26 -3.17
CA ARG B 136 -6.07 16.23 -3.02
C ARG B 136 -6.13 15.16 -4.12
N TYR B 137 -7.21 14.40 -4.16
CA TYR B 137 -7.27 13.21 -5.01
C TYR B 137 -7.22 13.52 -6.50
N LEU B 138 -8.03 14.46 -6.96
CA LEU B 138 -8.08 14.78 -8.38
C LEU B 138 -6.76 15.39 -8.81
N GLY B 139 -6.20 16.26 -7.98
CA GLY B 139 -4.91 16.89 -8.25
C GLY B 139 -3.78 15.89 -8.36
N ASP B 140 -3.67 15.02 -7.37
CA ASP B 140 -2.58 14.04 -7.29
C ASP B 140 -2.73 12.93 -8.33
N LEU B 141 -3.96 12.71 -8.77
CA LEU B 141 -4.26 11.73 -9.82
C LEU B 141 -3.98 12.30 -11.22
N SER B 142 -3.99 13.63 -11.35
CA SER B 142 -3.68 14.29 -12.62
C SER B 142 -2.20 14.25 -12.97
N GLY B 143 -1.36 14.79 -12.10
CA GLY B 143 0.09 14.81 -12.32
C GLY B 143 0.65 13.44 -12.61
N GLY B 144 0.84 12.66 -11.55
CA GLY B 144 1.29 11.28 -11.65
C GLY B 144 2.53 11.10 -12.50
N GLN B 145 2.36 10.47 -13.65
CA GLN B 145 3.46 10.12 -14.57
C GLN B 145 4.41 11.27 -14.89
N VAL B 146 3.85 12.48 -14.98
CA VAL B 146 4.64 13.68 -15.25
C VAL B 146 5.60 13.97 -14.09
N LEU B 147 5.04 14.08 -12.88
CA LEU B 147 5.83 14.35 -11.67
C LEU B 147 6.76 13.19 -11.34
N LYS B 148 6.33 11.98 -11.69
CA LYS B 148 7.10 10.78 -11.41
C LYS B 148 8.42 10.79 -12.17
N LYS B 149 8.36 10.99 -13.49
CA LYS B 149 9.53 10.94 -14.36
C LYS B 149 10.57 12.01 -14.00
N ILE B 150 10.09 13.16 -13.53
CA ILE B 150 10.96 14.23 -13.04
C ILE B 150 11.77 13.75 -11.83
N ALA B 151 11.09 13.08 -10.89
CA ALA B 151 11.73 12.56 -9.68
C ALA B 151 12.77 11.49 -9.97
N GLN B 152 12.47 10.61 -10.94
CA GLN B 152 13.43 9.58 -11.38
C GLN B 152 14.72 10.21 -11.88
N LYS B 153 14.57 11.18 -12.77
CA LYS B 153 15.70 11.81 -13.46
C LYS B 153 16.49 12.80 -12.60
N ALA B 154 15.83 13.40 -11.61
CA ALA B 154 16.46 14.44 -10.80
C ALA B 154 17.02 13.94 -9.47
N LEU B 155 16.64 12.73 -9.06
CA LEU B 155 17.04 12.21 -7.76
C LEU B 155 18.01 11.04 -7.84
N ASP B 156 18.21 10.50 -9.04
CA ASP B 156 19.13 9.37 -9.27
C ASP B 156 19.04 8.34 -8.16
N LEU B 157 17.84 7.81 -7.94
CA LEU B 157 17.65 6.78 -6.93
C LEU B 157 18.14 5.42 -7.46
N PRO B 158 18.72 4.58 -6.57
CA PRO B 158 19.14 3.25 -6.98
C PRO B 158 17.98 2.43 -7.56
N SER B 159 18.30 1.40 -8.33
CA SER B 159 17.28 0.55 -8.92
C SER B 159 16.71 -0.45 -7.89
N SER B 160 16.34 0.08 -6.73
CA SER B 160 15.87 -0.73 -5.61
C SER B 160 14.36 -1.03 -5.67
N GLY B 161 13.67 -0.39 -6.60
CA GLY B 161 12.25 -0.61 -6.82
C GLY B 161 11.34 -0.19 -5.66
N GLU B 162 11.68 0.94 -5.04
CA GLU B 162 10.90 1.54 -3.95
C GLU B 162 11.08 3.05 -3.97
N GLY B 163 10.15 3.77 -3.33
CA GLY B 163 10.28 5.21 -3.14
C GLY B 163 9.28 6.08 -3.86
N LEU B 164 8.69 5.56 -4.94
CA LEU B 164 7.79 6.37 -5.77
C LEU B 164 6.42 5.70 -5.96
N ALA B 165 5.95 5.03 -4.92
CA ALA B 165 4.68 4.31 -4.96
C ALA B 165 3.48 5.26 -4.93
N PHE B 166 3.66 6.46 -4.38
CA PHE B 166 2.58 7.43 -4.24
C PHE B 166 1.95 7.87 -5.56
N PHE B 167 2.77 7.93 -6.61
CA PHE B 167 2.34 8.46 -7.90
C PHE B 167 1.51 7.49 -8.74
N THR B 168 1.33 6.27 -8.24
CA THR B 168 0.56 5.23 -8.92
C THR B 168 -0.62 4.79 -8.07
N PHE B 169 -1.82 4.94 -8.62
CA PHE B 169 -3.04 4.43 -8.02
C PHE B 169 -3.34 3.10 -8.72
N PRO B 170 -2.84 1.99 -8.18
CA PRO B 170 -2.88 0.70 -8.89
C PRO B 170 -4.28 0.18 -9.18
N ASN B 171 -5.27 0.61 -8.40
CA ASN B 171 -6.65 0.17 -8.59
C ASN B 171 -7.47 1.11 -9.48
N ILE B 172 -6.78 1.99 -10.20
CA ILE B 172 -7.38 2.83 -11.23
C ILE B 172 -6.73 2.53 -12.58
N ALA B 173 -7.45 1.78 -13.41
CA ALA B 173 -6.95 1.32 -14.72
C ALA B 173 -6.57 2.48 -15.64
N SER B 174 -7.41 3.52 -15.65
CA SER B 174 -7.14 4.75 -16.39
C SER B 174 -7.63 5.95 -15.59
N ALA B 175 -6.76 6.94 -15.45
CA ALA B 175 -7.04 8.11 -14.62
C ALA B 175 -8.20 8.96 -15.15
N THR B 176 -8.16 9.27 -16.45
CA THR B 176 -9.18 10.11 -17.09
C THR B 176 -10.59 9.55 -16.96
N LYS B 177 -10.74 8.23 -17.06
CA LYS B 177 -12.03 7.60 -16.82
C LYS B 177 -12.49 7.82 -15.38
N PHE B 178 -11.58 7.67 -14.43
CA PHE B 178 -11.93 7.87 -13.01
C PHE B 178 -12.21 9.33 -12.69
N LYS B 179 -11.46 10.24 -13.29
CA LYS B 179 -11.71 11.67 -13.13
C LYS B 179 -13.14 12.02 -13.53
N GLN B 180 -13.55 11.56 -14.72
CA GLN B 180 -14.92 11.73 -15.21
C GLN B 180 -15.94 11.06 -14.29
N LEU B 181 -15.53 9.95 -13.69
CA LEU B 181 -16.38 9.25 -12.74
C LEU B 181 -16.50 10.02 -11.43
N TYR B 182 -15.36 10.54 -10.94
CA TYR B 182 -15.32 11.24 -9.67
C TYR B 182 -16.05 12.57 -9.74
N ARG B 183 -15.93 13.24 -10.88
CA ARG B 183 -16.64 14.49 -11.14
C ARG B 183 -18.15 14.26 -11.14
N SER B 184 -18.58 13.22 -11.83
CA SER B 184 -19.99 12.84 -11.91
C SER B 184 -20.62 12.65 -10.53
N ARG B 185 -19.86 12.09 -9.61
CA ARG B 185 -20.31 11.86 -8.25
C ARG B 185 -20.33 13.17 -7.44
N MET B 186 -19.41 14.07 -7.76
CA MET B 186 -19.41 15.42 -7.20
C MET B 186 -20.64 16.19 -7.68
N ASN B 187 -21.01 15.97 -8.94
CA ASN B 187 -22.15 16.64 -9.56
C ASN B 187 -23.50 16.04 -9.16
N SER B 188 -23.47 14.87 -8.51
CA SER B 188 -24.69 14.21 -8.05
C SER B 188 -24.91 14.45 -6.56
N LEU B 189 -23.99 15.18 -5.95
CA LEU B 189 -24.06 15.49 -4.53
C LEU B 189 -25.06 16.62 -4.29
N GLU B 190 -26.24 16.26 -3.79
CA GLU B 190 -27.31 17.24 -3.53
C GLU B 190 -26.99 18.12 -2.33
N MET B 191 -26.96 19.44 -2.57
CA MET B 191 -26.64 20.43 -1.54
C MET B 191 -27.28 21.79 -1.84
N THR B 192 -27.33 22.64 -0.81
CA THR B 192 -27.85 24.00 -0.91
C THR B 192 -27.01 24.84 -1.88
N PRO B 193 -27.60 25.88 -2.49
CA PRO B 193 -26.77 26.84 -3.24
C PRO B 193 -25.81 27.62 -2.32
N ALA B 194 -26.10 27.61 -1.02
CA ALA B 194 -25.28 28.30 -0.02
C ALA B 194 -24.14 27.41 0.49
N VAL B 195 -24.44 26.13 0.69
CA VAL B 195 -23.43 25.14 1.09
C VAL B 195 -22.38 24.99 -0.02
N ARG B 196 -22.86 24.96 -1.27
CA ARG B 196 -21.99 24.95 -2.44
C ARG B 196 -21.00 26.12 -2.42
N GLN B 197 -21.47 27.28 -1.99
CA GLN B 197 -20.63 28.48 -1.93
C GLN B 197 -19.46 28.29 -0.97
N ARG B 198 -19.73 27.69 0.18
CA ARG B 198 -18.70 27.42 1.17
C ARG B 198 -17.76 26.32 0.68
N VAL B 199 -18.31 25.33 -0.01
CA VAL B 199 -17.53 24.25 -0.63
C VAL B 199 -16.50 24.82 -1.59
N ILE B 200 -16.95 25.70 -2.49
CA ILE B 200 -16.06 26.42 -3.39
C ILE B 200 -15.03 27.22 -2.60
N GLU B 201 -15.48 27.90 -1.55
CA GLU B 201 -14.59 28.65 -0.67
C GLU B 201 -13.59 27.75 0.06
N GLU B 202 -14.02 26.55 0.42
CA GLU B 202 -13.17 25.59 1.12
C GLU B 202 -12.07 25.02 0.23
N ALA B 203 -12.33 24.95 -1.08
CA ALA B 203 -11.31 24.57 -2.06
C ALA B 203 -10.23 25.66 -2.18
N LYS B 204 -10.65 26.92 -2.10
CA LYS B 204 -9.73 28.05 -2.11
C LYS B 204 -8.78 27.98 -0.91
N THR B 205 -9.35 27.61 0.24
CA THR B 205 -8.58 27.40 1.46
C THR B 205 -7.59 26.26 1.27
N ALA B 206 -8.09 25.16 0.71
CA ALA B 206 -7.28 23.96 0.46
C ALA B 206 -6.05 24.26 -0.39
N PHE B 207 -6.25 25.08 -1.43
CA PHE B 207 -5.15 25.50 -2.29
C PHE B 207 -4.18 26.40 -1.56
N LEU B 208 -4.70 27.34 -0.77
CA LEU B 208 -3.86 28.27 -0.01
C LEU B 208 -3.04 27.58 1.07
N LEU B 209 -3.62 26.56 1.70
CA LEU B 209 -2.88 25.71 2.63
C LEU B 209 -1.74 24.98 1.93
N ASN B 210 -2.00 24.45 0.74
CA ASN B 210 -0.97 23.84 -0.09
C ASN B 210 0.14 24.82 -0.46
N ILE B 211 -0.24 26.03 -0.85
CA ILE B 211 0.72 27.08 -1.22
C ILE B 211 1.63 27.45 -0.04
N GLN B 212 1.01 27.81 1.09
CA GLN B 212 1.76 28.18 2.29
C GLN B 212 2.72 27.08 2.73
N LEU B 213 2.35 25.84 2.45
CA LEU B 213 3.18 24.67 2.74
C LEU B 213 4.49 24.71 1.95
N PHE B 214 4.42 25.05 0.66
CA PHE B 214 5.62 25.17 -0.18
C PHE B 214 6.43 26.40 0.19
N GLU B 215 5.73 27.47 0.59
CA GLU B 215 6.39 28.69 1.06
C GLU B 215 7.26 28.38 2.26
N GLU B 216 6.74 27.56 3.17
CA GLU B 216 7.48 27.13 4.35
C GLU B 216 8.57 26.11 4.00
N LEU B 217 8.23 25.13 3.16
CA LEU B 217 9.18 24.09 2.76
C LEU B 217 10.42 24.67 2.08
N GLN B 218 10.21 25.62 1.17
CA GLN B 218 11.31 26.26 0.46
C GLN B 218 12.13 27.18 1.38
N GLU B 219 11.46 27.78 2.36
CA GLU B 219 12.16 28.58 3.39
C GLU B 219 13.07 27.72 4.27
N LEU B 220 12.77 26.42 4.33
CA LEU B 220 13.60 25.46 5.06
C LEU B 220 14.77 24.96 4.22
N LEU B 221 14.63 25.04 2.90
CA LEU B 221 15.63 24.47 1.98
C LEU B 221 16.73 25.44 1.55
N THR B 222 16.48 26.73 1.74
CA THR B 222 17.48 27.76 1.49
C THR B 222 18.33 28.00 2.74
N HIS B 223 17.69 27.82 3.91
CA HIS B 223 18.36 27.91 5.21
C HIS B 223 19.48 26.88 5.32
N ASP B 224 20.70 27.30 4.97
CA ASP B 224 21.91 26.45 4.89
C ASP B 224 21.68 25.08 4.24
#